data_5BN8
#
_entry.id   5BN8
#
_cell.length_a   46.129
_cell.length_b   63.700
_cell.length_c   144.118
_cell.angle_alpha   90.00
_cell.angle_beta   90.00
_cell.angle_gamma   90.00
#
_symmetry.space_group_name_H-M   'P 21 21 21'
#
loop_
_entity.id
_entity.type
_entity.pdbx_description
1 polymer 'Heat shock 70 kDa protein 1A'
2 non-polymer '4-(2-HYDROXYETHYL)-1-PIPERAZINE ETHANESULFONIC ACID'
3 non-polymer 'MAGNESIUM ION'
4 non-polymer 'PHOSPHATE ION'
5 non-polymer 'CHLORIDE ION'
6 non-polymer 'SODIUM ION'
7 water water
#
_entity_poly.entity_id   1
_entity_poly.type   'polypeptide(L)'
_entity_poly.pdbx_seq_one_letter_code
;MAKAAAIGIDLGTTYSCVGVFQHGKVEIIANDQGNRTTPSYVAFTDTERLIGDAAKNQVALNPQNTVFDAKRLIGRKFGD
PVVQSDMKHWPFQVINDGDKPKVQVSYKGETKAFYPEEISSMVLTKMKEIAEAYLGYPVTNAVITVPAYFNDSQRQATKD
AGVIAGLNVLRIINEPTAAAIAYGLDRTGKGERNVLIFDLGGGTFDVSILTIDDGIFEVKATAGDTHLGGEDFDNRLVNH
FVEEFKRKHKKDISQNKRAVRRLRTACERAKRTLSSSTQASLEIDSLFEGIDFYTSITRARFEELCSDLFRSTLEPVEKA
LRDAKLDKAQIHDLVLVGGSTRIPKVQKLLQDFFNGRDLNKSINPDEAVAYGAAVQAAILMGDKSENV
;
_entity_poly.pdbx_strand_id   A
#
loop_
_chem_comp.id
_chem_comp.type
_chem_comp.name
_chem_comp.formula
CL non-polymer 'CHLORIDE ION' 'Cl -1'
EPE non-polymer '4-(2-HYDROXYETHYL)-1-PIPERAZINE ETHANESULFONIC ACID' 'C8 H18 N2 O4 S'
MG non-polymer 'MAGNESIUM ION' 'Mg 2'
NA non-polymer 'SODIUM ION' 'Na 1'
PO4 non-polymer 'PHOSPHATE ION' 'O4 P -3'
#
# COMPACT_ATOMS: atom_id res chain seq x y z
N ALA A 4 3.83 -26.65 11.26
CA ALA A 4 4.03 -25.49 10.36
C ALA A 4 2.99 -24.35 10.58
N ALA A 5 3.48 -23.16 10.90
CA ALA A 5 2.61 -22.00 11.01
C ALA A 5 2.07 -21.57 9.66
N ALA A 6 0.86 -21.04 9.69
CA ALA A 6 0.32 -20.30 8.58
C ALA A 6 0.81 -18.87 8.65
N ILE A 7 0.81 -18.19 7.54
CA ILE A 7 1.23 -16.78 7.48
C ILE A 7 0.10 -15.84 7.11
N GLY A 8 0.28 -14.57 7.49
CA GLY A 8 -0.68 -13.54 7.08
C GLY A 8 -0.01 -12.60 6.10
N ILE A 9 -0.68 -12.35 4.99
CA ILE A 9 -0.09 -11.46 3.96
C ILE A 9 -1.03 -10.32 3.60
N ASP A 10 -0.49 -9.12 3.80
CA ASP A 10 -1.11 -7.92 3.26
C ASP A 10 -0.55 -7.71 1.82
N LEU A 11 -1.45 -7.99 0.86
CA LEU A 11 -1.06 -7.84 -0.56
C LEU A 11 -1.49 -6.43 -0.94
N GLY A 12 -0.58 -5.49 -0.80
CA GLY A 12 -0.97 -4.10 -0.89
C GLY A 12 -0.85 -3.52 -2.27
N THR A 13 -1.48 -2.41 -2.56
CA THR A 13 -1.41 -1.77 -3.89
C THR A 13 0.03 -1.44 -4.21
N THR A 14 0.75 -0.81 -3.29
CA THR A 14 2.13 -0.38 -3.55
C THR A 14 3.20 -1.20 -2.85
N TYR A 15 2.89 -1.69 -1.67
CA TYR A 15 3.82 -2.52 -0.88
C TYR A 15 3.05 -3.65 -0.28
N SER A 16 3.75 -4.75 0.02
CA SER A 16 3.17 -5.89 0.68
C SER A 16 3.97 -6.19 1.98
N CYS A 17 3.32 -6.95 2.85
CA CYS A 17 3.97 -7.25 4.11
C CYS A 17 3.49 -8.62 4.58
N VAL A 18 4.39 -9.35 5.23
CA VAL A 18 4.04 -10.66 5.74
C VAL A 18 4.42 -10.83 7.25
N GLY A 19 3.50 -11.50 7.92
CA GLY A 19 3.72 -11.77 9.38
C GLY A 19 3.45 -13.22 9.67
N VAL A 20 3.95 -13.68 10.80
CA VAL A 20 3.63 -15.02 11.29
C VAL A 20 3.47 -14.97 12.83
N PHE A 21 2.44 -15.64 13.34
CA PHE A 21 2.28 -15.77 14.77
C PHE A 21 2.95 -17.05 15.20
N GLN A 22 3.96 -16.89 16.04
CA GLN A 22 4.61 -18.05 16.62
C GLN A 22 5.29 -17.68 17.90
N HIS A 23 5.52 -18.72 18.69
CA HIS A 23 6.06 -18.51 20.03
C HIS A 23 5.35 -17.35 20.77
N GLY A 24 4.02 -17.35 20.66
CA GLY A 24 3.11 -16.46 21.41
C GLY A 24 3.04 -14.97 20.92
N LYS A 25 3.57 -14.62 19.75
CA LYS A 25 3.55 -13.24 19.31
C LYS A 25 3.70 -13.14 17.81
N VAL A 26 3.36 -11.96 17.24
CA VAL A 26 3.53 -11.75 15.79
C VAL A 26 4.95 -11.31 15.40
N GLU A 27 5.58 -12.00 14.49
CA GLU A 27 6.83 -11.56 13.87
C GLU A 27 6.46 -10.99 12.48
N ILE A 28 6.67 -9.70 12.30
CA ILE A 28 6.61 -9.09 10.94
C ILE A 28 8.00 -9.34 10.35
N ILE A 29 7.97 -9.99 9.19
CA ILE A 29 9.22 -10.60 8.68
C ILE A 29 9.98 -9.70 7.72
N ALA A 30 11.25 -9.46 7.99
CA ALA A 30 12.11 -8.68 7.13
C ALA A 30 12.56 -9.51 5.93
N ASN A 31 12.59 -8.86 4.78
CA ASN A 31 13.04 -9.51 3.54
C ASN A 31 14.60 -9.56 3.42
N ASP A 32 15.12 -9.98 2.30
CA ASP A 32 16.55 -10.18 2.19
C ASP A 32 17.36 -8.90 2.31
N GLN A 33 16.72 -7.75 2.03
CA GLN A 33 17.34 -6.43 2.19
C GLN A 33 17.15 -5.84 3.58
N GLY A 34 16.46 -6.55 4.49
CA GLY A 34 16.20 -6.09 5.79
C GLY A 34 14.93 -5.22 5.89
N ASN A 35 14.13 -5.17 4.81
CA ASN A 35 12.90 -4.34 4.83
C ASN A 35 11.67 -5.11 5.22
N ARG A 36 10.88 -4.55 6.16
CA ARG A 36 9.69 -5.21 6.66
C ARG A 36 8.45 -5.02 5.80
N THR A 37 8.58 -4.24 4.73
CA THR A 37 7.59 -4.28 3.62
C THR A 37 8.41 -4.42 2.32
N THR A 38 7.69 -4.90 1.29
CA THR A 38 8.33 -5.25 -0.05
C THR A 38 7.43 -4.61 -1.10
N PRO A 39 8.04 -3.86 -2.05
CA PRO A 39 7.23 -3.29 -3.13
C PRO A 39 6.42 -4.36 -3.91
N SER A 40 5.18 -4.05 -4.25
CA SER A 40 4.35 -4.91 -5.06
C SER A 40 4.62 -4.69 -6.57
N TYR A 41 5.90 -5.01 -6.93
CA TYR A 41 6.45 -4.71 -8.27
C TYR A 41 7.05 -6.00 -8.82
N VAL A 42 6.87 -6.17 -10.15
CA VAL A 42 7.52 -7.30 -10.88
C VAL A 42 8.10 -6.71 -12.15
N ALA A 43 9.35 -6.99 -12.45
CA ALA A 43 9.99 -6.44 -13.62
C ALA A 43 10.51 -7.63 -14.48
N PHE A 44 10.49 -7.38 -15.80
CA PHE A 44 10.97 -8.35 -16.78
C PHE A 44 12.07 -7.67 -17.58
N THR A 45 13.20 -8.39 -17.70
CA THR A 45 14.32 -7.85 -18.51
C THR A 45 14.66 -8.84 -19.65
N ASP A 46 15.75 -8.52 -20.34
CA ASP A 46 16.23 -9.40 -21.43
C ASP A 46 16.70 -10.73 -20.89
N THR A 47 16.96 -10.82 -19.58
CA THR A 47 17.53 -11.99 -18.95
C THR A 47 16.84 -12.47 -17.66
N GLU A 48 16.08 -11.59 -16.93
CA GLU A 48 15.64 -11.98 -15.64
C GLU A 48 14.23 -11.49 -15.31
N ARG A 49 13.59 -12.17 -14.34
CA ARG A 49 12.35 -11.67 -13.76
CA ARG A 49 12.33 -11.71 -13.76
C ARG A 49 12.72 -11.24 -12.33
N LEU A 50 12.43 -9.98 -12.02
CA LEU A 50 12.76 -9.41 -10.71
C LEU A 50 11.45 -9.11 -9.92
N ILE A 51 11.48 -9.33 -8.59
CA ILE A 51 10.26 -9.10 -7.80
C ILE A 51 10.67 -8.30 -6.59
N GLY A 52 9.78 -7.36 -6.20
CA GLY A 52 10.01 -6.71 -4.89
C GLY A 52 11.03 -5.60 -4.98
N ASP A 53 11.90 -5.49 -3.96
CA ASP A 53 12.90 -4.42 -3.97
C ASP A 53 13.70 -4.41 -5.26
N ALA A 54 14.12 -5.59 -5.75
CA ALA A 54 14.97 -5.59 -6.94
C ALA A 54 14.18 -5.03 -8.15
N ALA A 55 12.88 -5.29 -8.24
CA ALA A 55 12.07 -4.70 -9.31
C ALA A 55 11.89 -3.19 -9.17
N LYS A 56 11.51 -2.72 -7.98
N LYS A 56 11.52 -2.75 -7.96
CA LYS A 56 11.35 -1.26 -7.79
CA LYS A 56 11.37 -1.34 -7.64
C LYS A 56 12.67 -0.53 -7.99
C LYS A 56 12.66 -0.57 -7.92
N ASN A 57 13.80 -1.19 -7.58
CA ASN A 57 15.09 -0.54 -7.67
C ASN A 57 15.53 -0.24 -9.15
N GLN A 58 14.91 -0.89 -10.12
CA GLN A 58 15.23 -0.68 -11.53
C GLN A 58 14.02 -0.16 -12.33
N VAL A 59 13.06 0.47 -11.65
CA VAL A 59 11.89 1.00 -12.36
C VAL A 59 12.19 2.21 -13.23
N ALA A 60 13.18 3.03 -12.82
CA ALA A 60 13.58 4.24 -13.65
C ALA A 60 14.25 3.77 -14.95
N LEU A 61 15.02 2.66 -14.89
CA LEU A 61 15.75 2.13 -16.03
C LEU A 61 14.77 1.43 -17.00
N ASN A 62 13.77 0.74 -16.48
CA ASN A 62 12.94 -0.15 -17.33
C ASN A 62 11.40 0.07 -17.22
N PRO A 63 10.91 1.29 -17.51
CA PRO A 63 9.47 1.58 -17.16
C PRO A 63 8.42 0.75 -17.97
N GLN A 64 8.70 0.39 -19.19
N GLN A 64 8.75 0.41 -19.21
CA GLN A 64 7.72 -0.36 -19.99
CA GLN A 64 7.92 -0.40 -20.12
C GLN A 64 7.57 -1.84 -19.53
C GLN A 64 7.57 -1.77 -19.50
N ASN A 65 8.56 -2.38 -18.84
CA ASN A 65 8.51 -3.78 -18.45
C ASN A 65 8.48 -3.97 -16.92
N THR A 66 8.26 -2.88 -16.16
CA THR A 66 8.20 -3.01 -14.72
C THR A 66 6.76 -2.77 -14.29
N VAL A 67 6.09 -3.82 -13.86
CA VAL A 67 4.66 -3.83 -13.58
C VAL A 67 4.43 -3.51 -12.09
N PHE A 68 3.43 -2.65 -11.92
CA PHE A 68 2.97 -2.28 -10.51
C PHE A 68 1.50 -2.02 -10.68
N ASP A 69 0.83 -1.75 -9.52
CA ASP A 69 -0.62 -1.44 -9.51
C ASP A 69 -1.51 -2.57 -10.05
N ALA A 70 -0.98 -3.84 -10.02
CA ALA A 70 -1.84 -4.93 -10.47
C ALA A 70 -3.12 -5.09 -9.66
N LYS A 71 -3.05 -4.68 -8.37
CA LYS A 71 -4.26 -4.77 -7.54
C LYS A 71 -5.40 -3.90 -8.10
N ARG A 72 -5.09 -2.87 -8.90
CA ARG A 72 -6.12 -2.04 -9.50
C ARG A 72 -6.82 -2.78 -10.67
N LEU A 73 -6.15 -3.80 -11.23
CA LEU A 73 -6.75 -4.60 -12.30
C LEU A 73 -7.42 -5.87 -11.84
N ILE A 74 -6.93 -6.44 -10.69
CA ILE A 74 -7.23 -7.81 -10.36
C ILE A 74 -8.77 -8.03 -10.23
N GLY A 75 -9.28 -9.07 -10.85
CA GLY A 75 -10.68 -9.37 -10.79
C GLY A 75 -11.60 -8.48 -11.61
N ARG A 76 -11.07 -7.53 -12.36
CA ARG A 76 -11.91 -6.62 -13.16
C ARG A 76 -12.00 -7.09 -14.63
N LYS A 77 -13.12 -6.77 -15.27
CA LYS A 77 -13.24 -6.92 -16.73
C LYS A 77 -12.46 -5.81 -17.42
N PHE A 78 -12.00 -6.07 -18.62
CA PHE A 78 -11.26 -5.06 -19.38
C PHE A 78 -12.07 -3.76 -19.59
N GLY A 79 -13.37 -3.89 -19.87
CA GLY A 79 -14.27 -2.74 -20.10
C GLY A 79 -14.75 -2.05 -18.81
N ASP A 80 -14.34 -2.48 -17.63
CA ASP A 80 -14.63 -1.75 -16.41
C ASP A 80 -14.02 -0.33 -16.55
N PRO A 81 -14.83 0.70 -16.34
CA PRO A 81 -14.33 2.10 -16.46
C PRO A 81 -13.09 2.38 -15.60
N VAL A 82 -12.91 1.62 -14.48
CA VAL A 82 -11.71 1.78 -13.68
C VAL A 82 -10.48 1.38 -14.49
N VAL A 83 -10.58 0.21 -15.16
CA VAL A 83 -9.46 -0.25 -16.00
C VAL A 83 -9.19 0.74 -17.14
N GLN A 84 -10.27 1.20 -17.77
CA GLN A 84 -10.13 2.11 -18.93
C GLN A 84 -9.44 3.39 -18.50
N SER A 85 -9.77 3.88 -17.32
CA SER A 85 -9.23 5.12 -16.79
C SER A 85 -7.80 4.93 -16.30
N ASP A 86 -7.56 3.87 -15.54
CA ASP A 86 -6.23 3.68 -14.91
C ASP A 86 -5.15 3.40 -15.96
N MET A 87 -5.52 2.73 -17.05
N MET A 87 -5.51 2.71 -17.03
CA MET A 87 -4.51 2.27 -18.00
CA MET A 87 -4.49 2.28 -17.99
C MET A 87 -3.95 3.43 -18.83
C MET A 87 -3.81 3.48 -18.64
N LYS A 88 -4.52 4.62 -18.71
CA LYS A 88 -4.00 5.78 -19.41
C LYS A 88 -2.73 6.35 -18.76
N HIS A 89 -2.47 5.98 -17.51
CA HIS A 89 -1.37 6.57 -16.74
C HIS A 89 -0.33 5.53 -16.30
N TRP A 90 -0.32 4.36 -16.89
CA TRP A 90 0.74 3.36 -16.67
C TRP A 90 1.64 3.32 -17.87
N PRO A 91 2.97 3.10 -17.70
CA PRO A 91 3.92 3.05 -18.83
C PRO A 91 3.96 1.67 -19.49
N PHE A 92 3.40 0.65 -18.81
CA PHE A 92 3.33 -0.70 -19.43
C PHE A 92 2.02 -0.87 -20.18
N GLN A 93 1.97 -1.80 -21.12
CA GLN A 93 0.83 -2.06 -21.96
C GLN A 93 -0.21 -2.95 -21.25
N VAL A 94 -1.50 -2.62 -21.38
CA VAL A 94 -2.59 -3.49 -20.98
C VAL A 94 -3.34 -3.88 -22.25
N ILE A 95 -3.64 -5.17 -22.38
CA ILE A 95 -4.35 -5.67 -23.54
C ILE A 95 -5.62 -6.37 -23.10
N ASN A 96 -6.51 -6.62 -24.03
CA ASN A 96 -7.78 -7.27 -23.79
C ASN A 96 -7.72 -8.71 -24.30
N ASP A 97 -7.86 -9.68 -23.40
CA ASP A 97 -8.02 -11.07 -23.85
C ASP A 97 -9.39 -11.62 -23.35
N GLY A 98 -10.36 -11.66 -24.27
CA GLY A 98 -11.72 -12.10 -23.90
C GLY A 98 -12.38 -11.31 -22.78
N ASP A 99 -12.22 -9.99 -22.83
CA ASP A 99 -12.78 -9.02 -21.88
C ASP A 99 -12.11 -9.19 -20.51
N LYS A 100 -10.91 -9.76 -20.49
CA LYS A 100 -10.11 -9.74 -19.25
C LYS A 100 -8.80 -9.02 -19.57
N PRO A 101 -8.38 -8.13 -18.64
CA PRO A 101 -7.12 -7.41 -18.92
C PRO A 101 -5.89 -8.31 -18.69
N LYS A 102 -4.87 -8.10 -19.50
CA LYS A 102 -3.57 -8.66 -19.28
C LYS A 102 -2.52 -7.58 -19.43
N VAL A 103 -1.42 -7.74 -18.71
N VAL A 103 -1.45 -7.64 -18.63
CA VAL A 103 -0.29 -6.83 -18.81
CA VAL A 103 -0.34 -6.72 -18.86
C VAL A 103 0.76 -7.41 -19.80
C VAL A 103 0.55 -7.42 -19.89
N GLN A 104 1.14 -6.64 -20.80
CA GLN A 104 1.99 -7.17 -21.86
C GLN A 104 3.35 -6.47 -21.74
N VAL A 105 4.42 -7.30 -21.74
CA VAL A 105 5.78 -6.87 -21.53
C VAL A 105 6.73 -7.64 -22.49
N SER A 106 7.99 -7.22 -22.50
CA SER A 106 9.06 -7.96 -23.16
C SER A 106 9.80 -8.70 -22.07
N TYR A 107 10.08 -9.99 -22.28
CA TYR A 107 10.80 -10.81 -21.33
C TYR A 107 11.70 -11.76 -22.14
N LYS A 108 13.01 -11.75 -21.87
CA LYS A 108 13.98 -12.61 -22.61
C LYS A 108 13.79 -12.44 -24.13
N GLY A 109 13.47 -11.19 -24.54
CA GLY A 109 13.37 -10.90 -25.98
C GLY A 109 12.06 -11.19 -26.66
N GLU A 110 11.09 -11.72 -25.93
N GLU A 110 11.11 -11.75 -25.92
CA GLU A 110 9.80 -12.16 -26.49
CA GLU A 110 9.79 -12.17 -26.43
C GLU A 110 8.62 -11.47 -25.77
C GLU A 110 8.70 -11.28 -25.80
N THR A 111 7.65 -11.05 -26.54
CA THR A 111 6.48 -10.35 -26.00
C THR A 111 5.64 -11.40 -25.29
N LYS A 112 5.31 -11.14 -24.00
CA LYS A 112 4.53 -12.07 -23.18
C LYS A 112 3.46 -11.22 -22.42
N ALA A 113 2.33 -11.86 -22.11
CA ALA A 113 1.30 -11.13 -21.34
C ALA A 113 0.87 -12.02 -20.18
N PHE A 114 0.48 -11.30 -19.08
CA PHE A 114 0.17 -11.96 -17.80
C PHE A 114 -1.15 -11.43 -17.27
N TYR A 115 -1.97 -12.32 -16.75
CA TYR A 115 -3.16 -11.90 -16.01
C TYR A 115 -2.71 -11.16 -14.72
N PRO A 116 -3.58 -10.26 -14.22
CA PRO A 116 -3.21 -9.55 -12.95
C PRO A 116 -2.94 -10.56 -11.82
N GLU A 117 -3.73 -11.63 -11.76
CA GLU A 117 -3.49 -12.62 -10.72
C GLU A 117 -2.18 -13.35 -10.86
N GLU A 118 -1.67 -13.46 -12.12
CA GLU A 118 -0.29 -13.98 -12.24
C GLU A 118 0.75 -12.98 -11.67
N ILE A 119 0.62 -11.71 -11.99
CA ILE A 119 1.54 -10.72 -11.43
C ILE A 119 1.46 -10.73 -9.85
N SER A 120 0.21 -10.70 -9.37
CA SER A 120 0.09 -10.71 -7.86
C SER A 120 0.59 -12.03 -7.31
N SER A 121 0.48 -13.16 -8.06
N SER A 121 0.46 -13.15 -8.04
CA SER A 121 1.05 -14.41 -7.56
CA SER A 121 1.01 -14.37 -7.50
C SER A 121 2.55 -14.34 -7.41
C SER A 121 2.53 -14.34 -7.39
N MET A 122 3.19 -13.55 -8.25
CA MET A 122 4.64 -13.41 -8.18
C MET A 122 5.05 -12.63 -6.92
N VAL A 123 4.26 -11.55 -6.60
CA VAL A 123 4.49 -10.82 -5.34
C VAL A 123 4.22 -11.78 -4.18
N LEU A 124 3.14 -12.56 -4.24
CA LEU A 124 2.83 -13.49 -3.13
C LEU A 124 3.92 -14.55 -2.96
N THR A 125 4.49 -15.02 -4.11
CA THR A 125 5.57 -15.97 -3.99
C THR A 125 6.77 -15.36 -3.26
N LYS A 126 7.12 -14.11 -3.59
CA LYS A 126 8.17 -13.39 -2.88
C LYS A 126 7.86 -13.33 -1.34
N MET A 127 6.58 -12.97 -1.01
CA MET A 127 6.25 -12.85 0.43
C MET A 127 6.36 -14.24 1.11
N LYS A 128 5.91 -15.28 0.44
CA LYS A 128 6.00 -16.64 0.95
C LYS A 128 7.47 -17.07 1.16
N GLU A 129 8.34 -16.71 0.21
CA GLU A 129 9.79 -17.00 0.30
C GLU A 129 10.46 -16.21 1.40
N ILE A 130 10.03 -14.96 1.62
CA ILE A 130 10.55 -14.11 2.77
C ILE A 130 10.19 -14.89 4.05
N ALA A 131 8.96 -15.41 4.16
CA ALA A 131 8.52 -16.13 5.40
C ALA A 131 9.30 -17.43 5.54
N GLU A 132 9.53 -18.16 4.45
CA GLU A 132 10.17 -19.45 4.51
C GLU A 132 11.62 -19.29 4.95
N ALA A 133 12.29 -18.23 4.48
CA ALA A 133 13.70 -17.98 4.84
C ALA A 133 13.81 -17.74 6.35
N TYR A 134 12.86 -17.02 6.92
CA TYR A 134 12.80 -16.73 8.38
C TYR A 134 12.43 -17.98 9.17
N LEU A 135 11.44 -18.74 8.72
CA LEU A 135 10.92 -19.91 9.48
C LEU A 135 11.83 -21.12 9.40
N GLY A 136 12.44 -21.24 8.26
CA GLY A 136 13.31 -22.38 7.97
C GLY A 136 12.57 -23.61 7.49
N TYR A 137 11.31 -23.49 7.09
CA TYR A 137 10.50 -24.60 6.59
C TYR A 137 9.50 -24.08 5.56
N PRO A 138 8.94 -24.98 4.71
CA PRO A 138 7.96 -24.48 3.70
C PRO A 138 6.66 -24.08 4.31
N VAL A 139 6.08 -23.02 3.73
CA VAL A 139 4.78 -22.53 4.21
C VAL A 139 3.72 -22.95 3.17
N THR A 140 2.60 -23.45 3.64
CA THR A 140 1.55 -23.94 2.73
C THR A 140 0.17 -23.27 2.98
N ASN A 141 0.02 -22.59 4.14
CA ASN A 141 -1.26 -21.98 4.51
C ASN A 141 -1.13 -20.48 4.73
N ALA A 142 -2.10 -19.71 4.25
CA ALA A 142 -2.06 -18.26 4.45
C ALA A 142 -3.45 -17.66 4.58
N VAL A 143 -3.53 -16.53 5.30
CA VAL A 143 -4.65 -15.60 5.17
C VAL A 143 -4.14 -14.43 4.32
N ILE A 144 -4.94 -14.00 3.33
CA ILE A 144 -4.59 -12.86 2.53
C ILE A 144 -5.71 -11.83 2.67
N THR A 145 -5.31 -10.56 2.76
CA THR A 145 -6.31 -9.51 3.00
C THR A 145 -6.69 -8.78 1.70
N VAL A 146 -7.84 -8.12 1.67
CA VAL A 146 -8.31 -7.32 0.53
C VAL A 146 -9.07 -6.12 1.01
N PRO A 147 -9.26 -5.09 0.22
CA PRO A 147 -10.08 -3.96 0.69
C PRO A 147 -11.50 -4.41 0.92
N ALA A 148 -12.19 -3.74 1.87
CA ALA A 148 -13.56 -4.11 2.17
C ALA A 148 -14.52 -3.96 0.98
N TYR A 149 -14.18 -3.04 0.07
N TYR A 149 -14.19 -3.07 0.04
CA TYR A 149 -15.02 -2.78 -1.11
CA TYR A 149 -15.07 -2.85 -1.11
C TYR A 149 -14.87 -3.86 -2.21
C TYR A 149 -14.67 -3.70 -2.33
N PHE A 150 -13.85 -4.74 -2.13
CA PHE A 150 -13.64 -5.74 -3.22
C PHE A 150 -14.89 -6.57 -3.37
N ASN A 151 -15.22 -6.82 -4.63
CA ASN A 151 -16.38 -7.66 -4.96
C ASN A 151 -15.99 -9.14 -5.04
N ASP A 152 -16.95 -10.01 -5.38
CA ASP A 152 -16.66 -11.46 -5.45
C ASP A 152 -15.56 -11.78 -6.42
N SER A 153 -15.58 -11.14 -7.60
CA SER A 153 -14.57 -11.44 -8.63
C SER A 153 -13.18 -11.01 -8.18
N GLN A 154 -13.07 -9.87 -7.54
CA GLN A 154 -11.80 -9.37 -7.07
C GLN A 154 -11.25 -10.25 -5.93
N ARG A 155 -12.15 -10.75 -5.07
CA ARG A 155 -11.77 -11.71 -4.03
C ARG A 155 -11.30 -13.05 -4.64
N GLN A 156 -12.09 -13.52 -5.64
CA GLN A 156 -11.74 -14.78 -6.29
C GLN A 156 -10.35 -14.66 -6.96
N ALA A 157 -10.11 -13.56 -7.66
CA ALA A 157 -8.83 -13.42 -8.33
C ALA A 157 -7.64 -13.32 -7.37
N THR A 158 -7.88 -12.66 -6.21
CA THR A 158 -6.83 -12.63 -5.19
C THR A 158 -6.54 -13.99 -4.60
N LYS A 159 -7.60 -14.75 -4.31
CA LYS A 159 -7.46 -16.12 -3.84
C LYS A 159 -6.67 -16.96 -4.90
N ASP A 160 -7.04 -16.77 -6.19
CA ASP A 160 -6.36 -17.52 -7.29
C ASP A 160 -4.87 -17.15 -7.33
N ALA A 161 -4.52 -15.87 -7.08
CA ALA A 161 -3.13 -15.47 -6.99
C ALA A 161 -2.41 -16.28 -5.93
N GLY A 162 -3.06 -16.43 -4.75
CA GLY A 162 -2.46 -17.20 -3.69
C GLY A 162 -2.24 -18.69 -4.07
N VAL A 163 -3.27 -19.27 -4.68
CA VAL A 163 -3.14 -20.66 -5.10
C VAL A 163 -2.02 -20.82 -6.14
N ILE A 164 -1.93 -19.90 -7.08
CA ILE A 164 -0.81 -19.95 -8.08
C ILE A 164 0.54 -19.95 -7.38
N ALA A 165 0.64 -19.17 -6.27
CA ALA A 165 1.86 -19.06 -5.52
C ALA A 165 2.11 -20.27 -4.61
N GLY A 166 1.21 -21.28 -4.62
CA GLY A 166 1.46 -22.49 -3.83
C GLY A 166 0.82 -22.45 -2.44
N LEU A 167 -0.08 -21.48 -2.18
CA LEU A 167 -0.66 -21.33 -0.83
C LEU A 167 -2.07 -21.90 -0.84
N ASN A 168 -2.41 -22.59 0.22
CA ASN A 168 -3.80 -22.84 0.57
C ASN A 168 -4.27 -21.59 1.26
N VAL A 169 -5.28 -20.93 0.68
CA VAL A 169 -5.82 -19.66 1.24
C VAL A 169 -6.89 -20.04 2.24
N LEU A 170 -6.51 -19.90 3.52
CA LEU A 170 -7.44 -20.29 4.60
C LEU A 170 -8.68 -19.38 4.54
N ARG A 171 -8.47 -18.08 4.28
CA ARG A 171 -9.55 -17.12 4.23
C ARG A 171 -9.04 -15.88 3.58
N ILE A 172 -9.91 -15.20 2.84
CA ILE A 172 -9.65 -13.80 2.39
C ILE A 172 -10.42 -12.92 3.37
N ILE A 173 -9.71 -12.03 4.07
CA ILE A 173 -10.40 -11.15 5.01
C ILE A 173 -10.17 -9.70 4.65
N ASN A 174 -11.07 -8.83 5.14
CA ASN A 174 -10.97 -7.42 4.80
C ASN A 174 -9.82 -6.78 5.53
N GLU A 175 -9.12 -5.87 4.89
CA GLU A 175 -8.04 -5.08 5.50
C GLU A 175 -8.44 -4.34 6.85
N PRO A 176 -9.55 -3.65 6.82
CA PRO A 176 -9.85 -2.95 8.14
C PRO A 176 -10.12 -3.98 9.20
N THR A 177 -10.74 -5.10 8.93
CA THR A 177 -10.90 -6.15 9.90
C THR A 177 -9.63 -6.65 10.45
N ALA A 178 -8.65 -6.94 9.55
CA ALA A 178 -7.34 -7.36 9.98
C ALA A 178 -6.67 -6.31 10.91
N ALA A 179 -6.79 -5.04 10.55
CA ALA A 179 -6.19 -3.99 11.42
C ALA A 179 -6.86 -4.00 12.84
N ALA A 180 -8.15 -4.21 12.86
CA ALA A 180 -8.84 -4.26 14.19
C ALA A 180 -8.34 -5.48 14.96
N ILE A 181 -8.18 -6.64 14.30
CA ILE A 181 -7.69 -7.85 14.98
C ILE A 181 -6.28 -7.64 15.48
N ALA A 182 -5.44 -6.90 14.76
CA ALA A 182 -4.09 -6.64 15.20
C ALA A 182 -4.09 -5.98 16.65
N TYR A 183 -5.03 -5.07 16.81
CA TYR A 183 -5.17 -4.36 18.16
C TYR A 183 -6.02 -5.17 19.10
N GLY A 184 -6.42 -6.38 18.84
CA GLY A 184 -7.18 -7.21 19.78
C GLY A 184 -8.63 -6.87 19.88
N LEU A 185 -9.14 -6.01 18.98
CA LEU A 185 -10.49 -5.46 19.13
C LEU A 185 -11.57 -6.51 18.86
N ASP A 186 -11.15 -7.61 18.20
CA ASP A 186 -12.06 -8.79 18.01
C ASP A 186 -12.41 -9.50 19.35
N ARG A 187 -11.65 -9.20 20.41
CA ARG A 187 -11.85 -9.96 21.67
C ARG A 187 -12.98 -9.48 22.53
N THR A 188 -13.56 -8.37 22.16
CA THR A 188 -14.61 -7.79 22.96
C THR A 188 -15.79 -8.79 23.15
N GLY A 189 -16.47 -8.66 24.27
CA GLY A 189 -17.67 -9.45 24.54
C GLY A 189 -18.95 -8.92 23.88
N LYS A 190 -20.08 -9.35 24.44
CA LYS A 190 -21.42 -8.96 23.96
C LYS A 190 -21.57 -7.45 24.15
N GLY A 191 -22.06 -6.80 23.11
CA GLY A 191 -22.24 -5.35 23.14
C GLY A 191 -21.51 -4.73 21.96
N GLU A 192 -22.21 -3.93 21.21
CA GLU A 192 -21.64 -3.39 19.97
C GLU A 192 -20.59 -2.32 20.27
N ARG A 193 -19.45 -2.38 19.58
CA ARG A 193 -18.43 -1.39 19.61
C ARG A 193 -18.16 -0.87 18.21
N ASN A 194 -18.01 0.42 18.05
CA ASN A 194 -17.79 1.03 16.73
C ASN A 194 -16.33 1.42 16.57
N VAL A 195 -15.72 0.92 15.51
CA VAL A 195 -14.31 1.14 15.30
C VAL A 195 -14.17 1.84 13.92
N LEU A 196 -13.37 2.89 13.89
CA LEU A 196 -13.07 3.57 12.61
C LEU A 196 -11.62 3.31 12.30
N ILE A 197 -11.43 2.77 11.03
N ILE A 197 -11.43 2.74 11.06
CA ILE A 197 -10.08 2.47 10.50
CA ILE A 197 -10.07 2.53 10.51
C ILE A 197 -9.76 3.56 9.47
C ILE A 197 -9.80 3.62 9.50
N PHE A 198 -8.68 4.32 9.69
CA PHE A 198 -8.28 5.41 8.84
C PHE A 198 -6.97 4.93 8.20
N ASP A 199 -7.13 4.59 6.87
CA ASP A 199 -6.05 3.83 6.18
C ASP A 199 -5.54 4.65 4.99
N LEU A 200 -4.43 5.34 5.19
CA LEU A 200 -3.88 6.22 4.16
C LEU A 200 -2.60 5.53 3.72
N GLY A 201 -2.75 4.81 2.58
CA GLY A 201 -1.67 3.95 2.04
C GLY A 201 -0.82 4.69 1.03
N GLY A 202 -0.05 3.95 0.25
CA GLY A 202 0.80 4.58 -0.75
C GLY A 202 0.01 5.11 -1.94
N GLY A 203 -1.10 4.49 -2.27
CA GLY A 203 -1.88 4.87 -3.47
C GLY A 203 -3.37 5.13 -3.23
N THR A 204 -3.88 4.65 -2.06
CA THR A 204 -5.32 4.72 -1.83
C THR A 204 -5.57 5.16 -0.36
N PHE A 205 -6.75 5.72 -0.24
CA PHE A 205 -7.24 6.19 1.14
C PHE A 205 -8.57 5.53 1.38
N ASP A 206 -8.63 4.77 2.48
CA ASP A 206 -9.84 4.05 2.85
C ASP A 206 -10.22 4.40 4.29
N VAL A 207 -11.46 4.83 4.46
CA VAL A 207 -12.06 4.94 5.78
C VAL A 207 -13.13 3.88 5.91
N SER A 208 -13.04 3.06 6.97
CA SER A 208 -14.06 2.05 7.23
C SER A 208 -14.57 2.20 8.67
N ILE A 209 -15.88 2.07 8.84
CA ILE A 209 -16.46 1.94 10.19
C ILE A 209 -17.00 0.55 10.33
N LEU A 210 -16.48 -0.15 11.34
CA LEU A 210 -16.92 -1.52 11.65
C LEU A 210 -17.65 -1.53 12.97
N THR A 211 -18.58 -2.45 13.13
N THR A 211 -18.64 -2.40 13.09
CA THR A 211 -19.13 -2.67 14.47
CA THR A 211 -19.08 -2.74 14.44
C THR A 211 -18.83 -4.12 14.90
C THR A 211 -18.46 -4.09 14.78
N ILE A 212 -18.21 -4.26 16.08
CA ILE A 212 -17.75 -5.55 16.60
C ILE A 212 -18.60 -5.90 17.76
N ASP A 213 -19.13 -7.13 17.75
CA ASP A 213 -20.02 -7.53 18.86
C ASP A 213 -19.67 -9.03 19.13
N ASP A 214 -19.06 -9.29 20.27
CA ASP A 214 -18.72 -10.67 20.67
C ASP A 214 -17.92 -11.38 19.59
N GLY A 215 -16.98 -10.65 19.00
CA GLY A 215 -16.10 -11.13 17.96
C GLY A 215 -16.64 -11.21 16.53
N ILE A 216 -17.88 -10.74 16.31
CA ILE A 216 -18.47 -10.71 14.97
C ILE A 216 -18.35 -9.25 14.42
N PHE A 217 -17.77 -9.15 13.25
CA PHE A 217 -17.60 -7.89 12.53
C PHE A 217 -18.70 -7.62 11.55
N GLU A 218 -19.16 -6.39 11.46
CA GLU A 218 -20.01 -5.94 10.38
C GLU A 218 -19.44 -4.62 9.83
N VAL A 219 -19.40 -4.50 8.52
CA VAL A 219 -18.95 -3.29 7.87
C VAL A 219 -20.18 -2.33 7.84
N LYS A 220 -20.09 -1.20 8.56
CA LYS A 220 -21.19 -0.26 8.58
C LYS A 220 -21.09 0.85 7.56
N ALA A 221 -19.86 1.23 7.18
CA ALA A 221 -19.65 2.28 6.19
C ALA A 221 -18.24 2.20 5.65
N THR A 222 -18.11 2.57 4.39
CA THR A 222 -16.80 2.71 3.74
C THR A 222 -16.82 3.99 2.94
N ALA A 223 -15.67 4.67 2.92
CA ALA A 223 -15.53 5.93 2.18
C ALA A 223 -14.05 6.09 1.83
N GLY A 224 -13.72 7.11 1.08
CA GLY A 224 -12.31 7.33 0.77
C GLY A 224 -12.10 7.83 -0.63
N ASP A 225 -10.87 7.57 -1.13
CA ASP A 225 -10.43 8.01 -2.47
C ASP A 225 -9.40 7.03 -2.92
N THR A 226 -9.71 6.34 -4.04
CA THR A 226 -8.79 5.30 -4.55
C THR A 226 -7.56 5.88 -5.23
N HIS A 227 -7.52 7.22 -5.36
CA HIS A 227 -6.36 7.91 -5.94
C HIS A 227 -5.88 9.03 -5.06
N LEU A 228 -5.82 8.74 -3.75
CA LEU A 228 -5.16 9.60 -2.79
C LEU A 228 -4.30 8.72 -1.92
N GLY A 229 -3.03 8.98 -1.89
CA GLY A 229 -2.12 8.24 -0.99
C GLY A 229 -0.80 8.92 -0.84
N GLY A 230 0.13 8.25 -0.18
CA GLY A 230 1.43 8.83 0.07
C GLY A 230 2.19 9.26 -1.19
N GLU A 231 1.96 8.53 -2.30
CA GLU A 231 2.66 8.89 -3.53
C GLU A 231 2.21 10.26 -4.06
N ASP A 232 1.00 10.68 -3.71
CA ASP A 232 0.51 12.03 -4.11
C ASP A 232 1.22 13.13 -3.30
N PHE A 233 1.57 12.81 -2.07
CA PHE A 233 2.38 13.75 -1.30
C PHE A 233 3.80 13.81 -1.86
N ASP A 234 4.35 12.64 -2.24
CA ASP A 234 5.67 12.62 -2.85
C ASP A 234 5.64 13.48 -4.12
N ASN A 235 4.54 13.41 -4.87
CA ASN A 235 4.41 14.14 -6.17
C ASN A 235 4.44 15.65 -5.93
N ARG A 236 3.84 16.11 -4.79
CA ARG A 236 3.92 17.53 -4.48
C ARG A 236 5.35 17.95 -4.21
N LEU A 237 6.12 17.09 -3.55
CA LEU A 237 7.55 17.34 -3.33
C LEU A 237 8.30 17.38 -4.71
N VAL A 238 8.01 16.38 -5.57
CA VAL A 238 8.69 16.34 -6.89
C VAL A 238 8.49 17.66 -7.62
N ASN A 239 7.25 18.14 -7.69
CA ASN A 239 6.99 19.36 -8.46
C ASN A 239 7.69 20.56 -7.83
N HIS A 240 7.71 20.60 -6.48
CA HIS A 240 8.41 21.66 -5.82
C HIS A 240 9.94 21.67 -6.20
N PHE A 241 10.55 20.47 -6.14
CA PHE A 241 11.98 20.39 -6.47
C PHE A 241 12.31 20.59 -7.96
N VAL A 242 11.39 20.20 -8.87
CA VAL A 242 11.56 20.49 -10.31
C VAL A 242 11.64 22.01 -10.47
N GLU A 243 10.73 22.75 -9.82
CA GLU A 243 10.78 24.18 -9.88
C GLU A 243 12.04 24.76 -9.28
N GLU A 244 12.49 24.18 -8.14
CA GLU A 244 13.69 24.65 -7.48
C GLU A 244 14.93 24.44 -8.40
N PHE A 245 15.00 23.28 -9.07
CA PHE A 245 16.08 23.02 -9.96
C PHE A 245 16.04 24.02 -11.14
N LYS A 246 14.85 24.28 -11.68
CA LYS A 246 14.67 25.24 -12.77
C LYS A 246 15.19 26.60 -12.37
N ARG A 247 14.79 27.09 -11.22
CA ARG A 247 15.20 28.44 -10.76
C ARG A 247 16.70 28.52 -10.57
N LYS A 248 17.31 27.45 -10.04
CA LYS A 248 18.73 27.42 -9.81
C LYS A 248 19.60 27.23 -11.07
N HIS A 249 19.22 26.29 -11.93
CA HIS A 249 20.04 25.90 -13.08
C HIS A 249 19.52 26.31 -14.44
N LYS A 250 18.32 26.93 -14.46
CA LYS A 250 17.65 27.36 -15.70
C LYS A 250 17.49 26.19 -16.68
N LYS A 251 17.16 25.01 -16.13
CA LYS A 251 16.93 23.78 -16.91
C LYS A 251 15.65 23.14 -16.37
N ASP A 252 14.78 22.68 -17.27
CA ASP A 252 13.59 21.97 -16.91
C ASP A 252 13.88 20.50 -17.01
N ILE A 253 13.80 19.76 -15.92
CA ILE A 253 14.03 18.32 -15.91
C ILE A 253 12.76 17.48 -16.13
N SER A 254 11.62 18.13 -16.27
CA SER A 254 10.29 17.46 -16.08
C SER A 254 9.96 16.45 -17.16
N GLN A 255 10.57 16.59 -18.37
CA GLN A 255 10.30 15.62 -19.44
C GLN A 255 11.41 14.58 -19.60
N ASN A 256 12.33 14.55 -18.64
CA ASN A 256 13.29 13.48 -18.60
C ASN A 256 12.73 12.43 -17.66
N LYS A 257 12.16 11.37 -18.18
CA LYS A 257 11.44 10.42 -17.34
C LYS A 257 12.35 9.82 -16.29
N ARG A 258 13.61 9.54 -16.62
N ARG A 258 13.60 9.59 -16.63
CA ARG A 258 14.54 8.94 -15.59
CA ARG A 258 14.54 8.96 -15.65
C ARG A 258 14.80 9.93 -14.46
C ARG A 258 14.81 9.91 -14.48
N ALA A 259 15.09 11.19 -14.79
CA ALA A 259 15.39 12.21 -13.75
C ALA A 259 14.19 12.32 -12.77
N VAL A 260 13.00 12.36 -13.39
CA VAL A 260 11.77 12.54 -12.62
C VAL A 260 11.54 11.33 -11.69
N ARG A 261 11.73 10.11 -12.18
CA ARG A 261 11.56 8.89 -11.38
CA ARG A 261 11.47 8.94 -11.33
C ARG A 261 12.55 8.88 -10.23
N ARG A 262 13.73 9.29 -10.51
CA ARG A 262 14.85 9.33 -9.45
C ARG A 262 14.55 10.44 -8.37
N LEU A 263 14.17 11.63 -8.83
CA LEU A 263 13.73 12.67 -7.84
C LEU A 263 12.59 12.07 -7.01
N ARG A 264 11.64 11.42 -7.65
CA ARG A 264 10.45 10.82 -6.98
C ARG A 264 10.90 9.85 -5.87
N THR A 265 11.80 8.95 -6.17
CA THR A 265 12.30 8.03 -5.15
C THR A 265 13.00 8.75 -3.98
N ALA A 266 13.76 9.80 -4.29
CA ALA A 266 14.38 10.61 -3.23
C ALA A 266 13.33 11.40 -2.36
N CYS A 267 12.28 11.89 -3.01
CA CYS A 267 11.20 12.58 -2.23
C CYS A 267 10.47 11.59 -1.33
N GLU A 268 10.30 10.33 -1.75
N GLU A 268 10.29 10.33 -1.78
CA GLU A 268 9.69 9.32 -0.85
CA GLU A 268 9.72 9.29 -0.89
C GLU A 268 10.53 9.12 0.44
C GLU A 268 10.54 9.19 0.43
N ARG A 269 11.85 9.06 0.28
CA ARG A 269 12.77 8.96 1.42
C ARG A 269 12.66 10.21 2.29
N ALA A 270 12.61 11.36 1.67
CA ALA A 270 12.53 12.63 2.44
C ALA A 270 11.24 12.70 3.20
N LYS A 271 10.14 12.28 2.58
N LYS A 271 10.13 12.29 2.58
CA LYS A 271 8.85 12.31 3.23
CA LYS A 271 8.84 12.30 3.27
C LYS A 271 8.89 11.42 4.52
C LYS A 271 8.86 11.42 4.52
N ARG A 272 9.45 10.23 4.42
CA ARG A 272 9.57 9.36 5.55
C ARG A 272 10.36 10.05 6.64
N THR A 273 11.51 10.64 6.29
CA THR A 273 12.34 11.34 7.30
C THR A 273 11.57 12.48 8.03
N LEU A 274 10.73 13.22 7.30
CA LEU A 274 9.99 14.27 7.87
C LEU A 274 8.92 13.86 8.89
N SER A 275 8.61 12.56 8.98
CA SER A 275 7.67 12.10 10.02
C SER A 275 8.34 12.01 11.37
N SER A 276 9.66 11.98 11.37
CA SER A 276 10.40 11.82 12.65
C SER A 276 11.36 13.02 12.89
N SER A 277 11.64 13.81 11.84
CA SER A 277 12.55 14.98 11.99
C SER A 277 11.87 16.21 11.42
N THR A 278 12.30 17.39 11.83
CA THR A 278 11.70 18.61 11.31
C THR A 278 12.29 19.16 10.01
N GLN A 279 13.33 18.49 9.54
CA GLN A 279 13.87 18.79 8.18
C GLN A 279 14.50 17.54 7.60
N ALA A 280 14.68 17.54 6.28
CA ALA A 280 15.29 16.44 5.57
C ALA A 280 16.23 17.01 4.52
N SER A 281 17.39 16.37 4.32
CA SER A 281 18.29 16.81 3.30
C SER A 281 18.04 15.89 2.10
N LEU A 282 18.09 16.43 0.89
CA LEU A 282 17.82 15.63 -0.31
C LEU A 282 19.07 15.86 -1.19
N GLU A 283 19.80 14.79 -1.47
CA GLU A 283 21.04 14.87 -2.23
C GLU A 283 21.14 13.81 -3.30
N ILE A 284 20.98 14.25 -4.57
CA ILE A 284 20.96 13.31 -5.74
C ILE A 284 22.15 13.63 -6.62
N ASP A 285 22.98 12.58 -6.82
CA ASP A 285 24.06 12.64 -7.89
C ASP A 285 23.54 12.51 -9.30
N SER A 286 24.02 13.41 -10.16
CA SER A 286 23.82 13.32 -11.58
C SER A 286 22.33 13.25 -11.82
N LEU A 287 21.55 14.22 -11.27
CA LEU A 287 20.14 14.18 -11.50
C LEU A 287 19.86 14.42 -13.00
N PHE A 288 20.51 15.44 -13.59
CA PHE A 288 20.21 15.88 -14.95
C PHE A 288 21.47 16.48 -15.57
N GLU A 289 21.84 15.97 -16.74
CA GLU A 289 23.01 16.45 -17.48
C GLU A 289 24.26 16.57 -16.56
N GLY A 290 24.41 15.59 -15.65
CA GLY A 290 25.54 15.43 -14.77
C GLY A 290 25.48 16.40 -13.61
N ILE A 291 24.35 17.12 -13.52
CA ILE A 291 24.23 18.06 -12.43
C ILE A 291 23.68 17.41 -11.15
N ASP A 292 24.33 17.53 -10.13
CA ASP A 292 23.93 17.08 -8.78
C ASP A 292 23.00 18.08 -8.11
N PHE A 293 22.09 17.48 -7.32
CA PHE A 293 21.04 18.30 -6.72
C PHE A 293 21.05 18.02 -5.22
N TYR A 294 21.66 18.93 -4.43
CA TYR A 294 21.75 18.82 -2.96
C TYR A 294 20.96 19.98 -2.41
N THR A 295 19.93 19.66 -1.61
CA THR A 295 19.06 20.66 -1.03
C THR A 295 18.43 20.08 0.22
N SER A 296 17.39 20.75 0.74
CA SER A 296 16.72 20.29 1.95
C SER A 296 15.30 20.80 1.90
N ILE A 297 14.47 20.21 2.70
CA ILE A 297 13.11 20.73 2.92
C ILE A 297 12.72 20.59 4.38
N THR A 298 11.92 21.52 4.88
CA THR A 298 11.43 21.46 6.23
C THR A 298 10.06 20.74 6.30
N ARG A 299 9.78 20.27 7.50
CA ARG A 299 8.45 19.67 7.76
C ARG A 299 7.35 20.72 7.44
N ALA A 300 7.50 21.95 7.96
CA ALA A 300 6.43 22.97 7.73
C ALA A 300 6.23 23.23 6.24
N ARG A 301 7.34 23.26 5.46
CA ARG A 301 7.20 23.53 4.02
C ARG A 301 6.49 22.37 3.32
N PHE A 302 6.87 21.14 3.70
CA PHE A 302 6.18 19.95 3.22
C PHE A 302 4.69 19.94 3.46
N GLU A 303 4.33 20.33 4.72
CA GLU A 303 2.91 20.44 5.10
C GLU A 303 2.17 21.47 4.27
N GLU A 304 2.83 22.64 4.01
CA GLU A 304 2.21 23.65 3.15
C GLU A 304 1.97 23.11 1.74
N LEU A 305 2.96 22.38 1.21
CA LEU A 305 2.84 21.87 -0.15
C LEU A 305 1.71 20.85 -0.31
N CYS A 306 1.31 20.23 0.84
CA CYS A 306 0.33 19.17 0.83
C CYS A 306 -0.98 19.52 1.56
N SER A 307 -1.16 20.80 1.93
CA SER A 307 -2.15 21.16 2.97
C SER A 307 -3.57 20.79 2.53
N ASP A 308 -3.90 21.01 1.27
CA ASP A 308 -5.24 20.68 0.76
C ASP A 308 -5.44 19.15 0.76
N LEU A 309 -4.40 18.41 0.40
CA LEU A 309 -4.53 16.96 0.35
C LEU A 309 -4.72 16.37 1.77
N PHE A 310 -3.94 16.87 2.73
CA PHE A 310 -4.11 16.40 4.09
C PHE A 310 -5.53 16.70 4.65
N ARG A 311 -5.98 17.95 4.40
CA ARG A 311 -7.33 18.33 4.90
C ARG A 311 -8.40 17.46 4.28
N SER A 312 -8.18 17.07 3.01
CA SER A 312 -9.17 16.31 2.25
C SER A 312 -9.45 14.93 2.87
N THR A 313 -8.57 14.45 3.76
CA THR A 313 -8.79 13.17 4.34
C THR A 313 -9.96 13.16 5.32
N LEU A 314 -10.35 14.38 5.79
CA LEU A 314 -11.44 14.41 6.80
C LEU A 314 -12.82 14.31 6.16
N GLU A 315 -13.00 14.67 4.88
N GLU A 315 -12.92 14.65 4.85
CA GLU A 315 -14.37 14.58 4.41
CA GLU A 315 -14.18 14.61 4.10
C GLU A 315 -14.86 13.10 4.32
C GLU A 315 -14.83 13.20 4.05
N PRO A 316 -14.00 12.18 3.85
CA PRO A 316 -14.48 10.77 3.89
C PRO A 316 -14.77 10.29 5.32
N VAL A 317 -14.08 10.87 6.32
CA VAL A 317 -14.43 10.50 7.70
C VAL A 317 -15.85 10.99 8.01
N GLU A 318 -16.12 12.26 7.64
CA GLU A 318 -17.48 12.80 7.85
C GLU A 318 -18.52 12.01 7.09
N LYS A 319 -18.22 11.62 5.87
CA LYS A 319 -19.17 10.86 5.06
C LYS A 319 -19.43 9.48 5.65
N ALA A 320 -18.35 8.80 6.12
CA ALA A 320 -18.53 7.48 6.70
C ALA A 320 -19.40 7.56 7.96
N LEU A 321 -19.13 8.57 8.81
CA LEU A 321 -19.93 8.76 10.00
C LEU A 321 -21.43 8.98 9.62
N ARG A 322 -21.68 9.82 8.62
CA ARG A 322 -23.07 10.08 8.15
C ARG A 322 -23.72 8.76 7.73
N ASP A 323 -23.02 7.98 6.89
CA ASP A 323 -23.57 6.73 6.37
C ASP A 323 -23.80 5.69 7.46
N ALA A 324 -22.93 5.67 8.44
CA ALA A 324 -23.08 4.75 9.60
C ALA A 324 -24.11 5.25 10.62
N LYS A 325 -24.62 6.45 10.40
CA LYS A 325 -25.54 7.10 11.30
C LYS A 325 -24.98 7.20 12.75
N LEU A 326 -23.69 7.64 12.82
CA LEU A 326 -23.00 7.82 14.10
C LEU A 326 -22.43 9.19 14.21
N ASP A 327 -22.44 9.72 15.45
CA ASP A 327 -21.65 10.94 15.80
C ASP A 327 -20.22 10.55 16.14
N LYS A 328 -19.31 11.52 16.02
CA LYS A 328 -17.89 11.31 16.44
C LYS A 328 -17.78 10.62 17.76
N ALA A 329 -18.57 11.13 18.71
CA ALA A 329 -18.48 10.63 20.04
C ALA A 329 -18.83 9.14 20.21
N GLN A 330 -19.51 8.57 19.23
CA GLN A 330 -19.93 7.15 19.30
C GLN A 330 -18.86 6.17 18.82
N ILE A 331 -17.73 6.69 18.36
CA ILE A 331 -16.63 5.80 17.90
C ILE A 331 -15.82 5.42 19.14
N HIS A 332 -15.68 4.12 19.38
CA HIS A 332 -14.94 3.57 20.51
C HIS A 332 -13.46 3.58 20.33
N ASP A 333 -13.03 3.25 19.09
CA ASP A 333 -11.56 3.16 18.75
C ASP A 333 -11.26 3.73 17.35
N LEU A 334 -10.14 4.45 17.26
CA LEU A 334 -9.62 4.99 15.98
C LEU A 334 -8.31 4.25 15.77
N VAL A 335 -8.23 3.64 14.55
CA VAL A 335 -7.04 2.77 14.23
C VAL A 335 -6.34 3.38 13.01
N LEU A 336 -5.04 3.62 13.12
CA LEU A 336 -4.26 4.14 11.96
C LEU A 336 -3.61 2.98 11.15
N VAL A 337 -3.82 3.09 9.85
CA VAL A 337 -3.20 2.09 8.91
C VAL A 337 -2.58 2.91 7.80
N GLY A 338 -1.47 2.35 7.28
CA GLY A 338 -0.85 3.00 6.12
C GLY A 338 0.31 3.88 6.49
N GLY A 339 1.42 3.82 5.74
CA GLY A 339 2.60 4.61 6.20
C GLY A 339 2.41 6.12 6.37
N SER A 340 1.51 6.70 5.55
CA SER A 340 1.30 8.15 5.63
C SER A 340 0.57 8.59 6.90
N THR A 341 0.00 7.63 7.67
CA THR A 341 -0.58 8.01 8.93
C THR A 341 0.51 8.27 9.98
N ARG A 342 1.80 8.00 9.65
CA ARG A 342 2.90 8.44 10.53
C ARG A 342 3.11 9.97 10.43
N ILE A 343 2.57 10.62 9.36
CA ILE A 343 2.86 12.05 9.15
C ILE A 343 2.19 12.85 10.33
N PRO A 344 2.98 13.64 11.09
CA PRO A 344 2.38 14.29 12.26
C PRO A 344 1.23 15.21 11.88
N LYS A 345 1.21 15.86 10.75
CA LYS A 345 0.08 16.73 10.43
C LYS A 345 -1.21 15.93 10.16
N VAL A 346 -1.10 14.73 9.61
CA VAL A 346 -2.24 13.92 9.37
C VAL A 346 -2.83 13.42 10.73
N GLN A 347 -1.94 12.97 11.60
CA GLN A 347 -2.41 12.61 12.97
C GLN A 347 -3.09 13.80 13.65
N LYS A 348 -2.55 14.98 13.49
CA LYS A 348 -3.12 16.19 14.16
C LYS A 348 -4.50 16.42 13.60
N LEU A 349 -4.71 16.39 12.29
CA LEU A 349 -5.97 16.65 11.69
C LEU A 349 -6.99 15.67 12.22
N LEU A 350 -6.69 14.34 12.25
CA LEU A 350 -7.64 13.34 12.66
C LEU A 350 -7.97 13.50 14.20
N GLN A 351 -6.92 13.64 14.98
CA GLN A 351 -7.16 13.73 16.46
C GLN A 351 -7.96 15.03 16.73
N ASP A 352 -7.61 16.11 16.11
CA ASP A 352 -8.36 17.35 16.29
C ASP A 352 -9.79 17.18 15.88
N PHE A 353 -10.07 16.55 14.73
CA PHE A 353 -11.40 16.34 14.32
C PHE A 353 -12.18 15.52 15.35
N PHE A 354 -11.53 14.57 15.98
CA PHE A 354 -12.13 13.76 17.05
C PHE A 354 -11.96 14.41 18.45
N ASN A 355 -11.63 15.68 18.48
CA ASN A 355 -11.69 16.44 19.79
C ASN A 355 -10.74 15.84 20.72
N GLY A 356 -9.56 15.39 20.36
CA GLY A 356 -8.52 14.95 21.20
C GLY A 356 -8.45 13.52 21.57
N ARG A 357 -9.33 12.68 20.94
N ARG A 357 -9.34 12.69 20.98
CA ARG A 357 -9.27 11.28 21.18
CA ARG A 357 -9.30 11.28 21.21
C ARG A 357 -7.91 10.63 20.86
C ARG A 357 -7.90 10.67 20.92
N ASP A 358 -7.55 9.62 21.63
CA ASP A 358 -6.35 8.82 21.32
C ASP A 358 -6.49 8.13 19.96
N LEU A 359 -5.32 7.99 19.32
CA LEU A 359 -5.23 7.17 18.11
C LEU A 359 -4.51 5.86 18.43
N ASN A 360 -5.03 4.74 17.93
N ASN A 360 -5.01 4.74 17.93
CA ASN A 360 -4.32 3.46 18.07
CA ASN A 360 -4.31 3.46 18.12
C ASN A 360 -3.22 3.51 16.99
C ASN A 360 -3.22 3.36 17.03
N LYS A 361 -1.97 3.60 17.42
CA LYS A 361 -0.85 3.85 16.51
C LYS A 361 0.43 3.17 16.93
N SER A 362 0.38 2.30 17.92
CA SER A 362 1.55 1.63 18.42
C SER A 362 2.12 0.52 17.48
N ILE A 363 1.18 -0.03 16.66
CA ILE A 363 1.66 -1.04 15.61
C ILE A 363 1.99 -0.17 14.42
N ASN A 364 3.24 -0.38 13.91
CA ASN A 364 3.62 0.35 12.72
CA ASN A 364 3.64 0.36 12.75
C ASN A 364 2.49 0.30 11.68
N PRO A 365 1.99 1.47 11.25
N PRO A 365 2.06 1.44 11.18
CA PRO A 365 0.76 1.42 10.43
CA PRO A 365 0.79 1.44 10.41
C PRO A 365 0.91 0.79 9.04
C PRO A 365 0.91 0.64 9.09
N ASP A 366 2.13 0.63 8.58
CA ASP A 366 2.24 -0.18 7.31
CA ASP A 366 2.49 -0.18 7.34
C ASP A 366 2.40 -1.62 7.59
N GLU A 367 2.33 -2.12 8.84
CA GLU A 367 2.42 -3.50 9.18
C GLU A 367 1.13 -4.06 9.84
N ALA A 368 0.22 -3.12 10.22
CA ALA A 368 -0.96 -3.55 11.02
C ALA A 368 -1.85 -4.57 10.38
N VAL A 369 -2.04 -4.40 9.02
CA VAL A 369 -2.88 -5.35 8.28
C VAL A 369 -2.25 -6.76 8.24
N ALA A 370 -0.94 -6.79 7.96
CA ALA A 370 -0.26 -8.12 7.99
C ALA A 370 -0.30 -8.73 9.37
N TYR A 371 -0.13 -7.83 10.40
CA TYR A 371 -0.11 -8.31 11.78
C TYR A 371 -1.45 -9.01 12.14
N GLY A 372 -2.56 -8.35 11.79
CA GLY A 372 -3.86 -8.92 12.03
C GLY A 372 -4.11 -10.21 11.22
N ALA A 373 -3.66 -10.19 9.93
CA ALA A 373 -3.81 -11.41 9.09
C ALA A 373 -3.04 -12.57 9.71
N ALA A 374 -1.86 -12.29 10.28
CA ALA A 374 -1.09 -13.34 10.93
C ALA A 374 -1.81 -13.94 12.14
N VAL A 375 -2.35 -13.04 12.97
CA VAL A 375 -3.16 -13.51 14.15
C VAL A 375 -4.30 -14.37 13.65
N GLN A 376 -5.05 -13.89 12.65
CA GLN A 376 -6.22 -14.65 12.18
C GLN A 376 -5.80 -16.02 11.59
N ALA A 377 -4.69 -16.02 10.84
CA ALA A 377 -4.21 -17.30 10.26
C ALA A 377 -3.94 -18.34 11.37
N ALA A 378 -3.34 -17.89 12.48
CA ALA A 378 -3.05 -18.80 13.59
C ALA A 378 -4.32 -19.27 14.29
N ILE A 379 -5.32 -18.38 14.42
CA ILE A 379 -6.64 -18.77 14.97
C ILE A 379 -7.23 -19.89 14.09
N LEU A 380 -7.25 -19.65 12.80
CA LEU A 380 -7.82 -20.59 11.85
C LEU A 380 -7.11 -21.95 11.86
N MET A 381 -5.81 -21.95 12.18
CA MET A 381 -5.05 -23.20 12.28
C MET A 381 -5.29 -23.92 13.60
N GLY A 382 -5.81 -23.24 14.63
CA GLY A 382 -6.02 -23.83 15.99
N1 EPE B . 20.16 0.07 -11.36
C2 EPE B . 19.41 -0.70 -10.35
C3 EPE B . 20.36 -1.64 -9.50
N4 EPE B . 21.20 -2.42 -10.41
C5 EPE B . 21.95 -1.52 -11.35
C6 EPE B . 20.97 -0.80 -12.25
C7 EPE B . 22.08 -3.43 -9.70
C8 EPE B . 21.85 -4.84 -10.16
O8 EPE B . 21.40 -5.49 -8.99
C9 EPE B . 19.18 0.94 -12.00
C10 EPE B . 18.84 2.09 -11.15
S EPE B . 17.75 3.00 -12.00
O1S EPE B . 17.40 4.16 -11.16
O2S EPE B . 16.55 2.21 -12.24
O3S EPE B . 18.40 3.46 -13.25
MG MG C . -2.35 2.05 -1.21
MG MG D . -2.81 -1.11 2.78
P PO4 E . -4.19 -0.90 -0.21
O1 PO4 E . -3.85 -0.28 1.21
O2 PO4 E . -5.70 -1.35 -0.11
O3 PO4 E . -3.33 -2.01 -0.57
O4 PO4 E . -4.17 0.14 -1.30
P PO4 F . 16.45 -1.42 -0.74
O2 PO4 F . 16.65 -1.96 0.61
O3 PO4 F . 15.26 -0.45 -0.64
O4 PO4 F . 16.35 -2.51 -1.80
P PO4 G . 14.27 -11.23 -6.98
O1 PO4 G . 14.50 -10.87 -5.55
O2 PO4 G . 14.41 -10.10 -7.82
O3 PO4 G . 12.93 -11.80 -7.11
O4 PO4 G . 15.24 -12.32 -7.48
P PO4 H . 0.20 0.29 -0.55
P PO4 H . -0.33 0.13 0.71
O1 PO4 H . -0.79 0.08 0.59
O1 PO4 H . -0.95 -0.81 1.78
O2 PO4 H . 0.30 -1.08 -1.04
O2 PO4 H . -0.30 -0.51 -0.66
O3 PO4 H . 1.53 0.79 -0.08
O3 PO4 H . 1.08 0.57 1.12
O4 PO4 H . -0.66 1.25 -1.31
O4 PO4 H . -1.14 1.38 0.90
CL CL I . 13.70 -10.15 -0.68
NA NA J . -7.48 0.29 -1.17
#